data_8UQ7
#
_entry.id   8UQ7
#
loop_
_entity.id
_entity.type
_entity.pdbx_description
1 polymer 'Microtubule-associated protein tau'
2 non-polymer 6-fluoro-3-(1H-pyrrolo[2,3-c]pyridin-1-yl)isoquinolin-5-amine
#
_entity_poly.entity_id   1
_entity_poly.type   'polypeptide(L)'
_entity_poly.pdbx_seq_one_letter_code
;SVQIVYKPVDLSKVTSKCGSLGNIHHKPGGGQVEVKSEKLDFKDRVQSKIGSLDNITHVPGGGNKKIETHKLTFR
;
_entity_poly.pdbx_strand_id   A,B,C,D,E,F
#
loop_
_chem_comp.id
_chem_comp.type
_chem_comp.name
_chem_comp.formula
X6R non-polymer 6-fluoro-3-(1H-pyrrolo[2,3-c]pyridin-1-yl)isoquinolin-5-amine 'C16 H11 F N4'
#
# COMPACT_ATOMS: atom_id res chain seq x y z
N SER A 1 -30.27 -62.81 9.98
CA SER A 1 -31.06 -61.89 9.15
C SER A 1 -30.84 -60.44 9.57
N VAL A 2 -30.56 -59.54 8.62
CA VAL A 2 -30.48 -58.08 8.85
C VAL A 2 -31.40 -57.34 7.90
N GLN A 3 -32.25 -56.45 8.43
CA GLN A 3 -32.96 -55.42 7.68
C GLN A 3 -32.49 -54.04 8.12
N ILE A 4 -31.98 -53.25 7.18
CA ILE A 4 -31.65 -51.83 7.39
C ILE A 4 -32.51 -51.00 6.46
N VAL A 5 -33.33 -50.13 7.03
CA VAL A 5 -34.21 -49.21 6.28
C VAL A 5 -33.74 -47.79 6.55
N TYR A 6 -33.34 -47.07 5.50
CA TYR A 6 -32.78 -45.73 5.58
C TYR A 6 -33.64 -44.80 4.73
N LYS A 7 -34.56 -44.08 5.36
CA LYS A 7 -35.48 -43.15 4.69
C LYS A 7 -35.56 -41.78 5.36
N PRO A 8 -34.47 -41.00 5.43
CA PRO A 8 -34.55 -39.60 5.83
C PRO A 8 -35.51 -38.82 4.94
N VAL A 9 -36.36 -37.99 5.54
CA VAL A 9 -37.28 -37.09 4.83
C VAL A 9 -36.86 -35.66 5.10
N ASP A 10 -36.67 -34.87 4.05
CA ASP A 10 -36.14 -33.52 4.16
C ASP A 10 -36.98 -32.51 3.37
N LEU A 11 -37.67 -31.63 4.09
CA LEU A 11 -38.49 -30.54 3.59
C LEU A 11 -37.82 -29.17 3.89
N SER A 12 -36.49 -29.13 4.05
CA SER A 12 -35.76 -27.92 4.45
C SER A 12 -35.99 -26.74 3.51
N LYS A 13 -36.15 -25.52 4.04
CA LYS A 13 -35.99 -24.28 3.28
C LYS A 13 -34.77 -23.52 3.77
N VAL A 14 -33.88 -23.13 2.88
CA VAL A 14 -32.87 -22.11 3.14
C VAL A 14 -33.17 -20.95 2.19
N THR A 15 -33.47 -19.78 2.71
CA THR A 15 -34.11 -18.71 1.92
C THR A 15 -33.66 -17.33 2.37
N SER A 16 -33.75 -16.34 1.49
CA SER A 16 -33.54 -14.94 1.88
C SER A 16 -34.31 -13.97 1.00
N LYS A 17 -34.66 -12.81 1.55
CA LYS A 17 -35.21 -11.67 0.81
C LYS A 17 -34.41 -10.41 1.11
N CYS A 18 -34.03 -9.67 0.10
CA CYS A 18 -33.42 -8.35 0.24
C CYS A 18 -34.13 -7.35 -0.67
N GLY A 19 -34.57 -6.20 -0.16
CA GLY A 19 -35.30 -5.22 -0.97
C GLY A 19 -34.41 -4.52 -2.00
N SER A 20 -33.22 -4.09 -1.58
CA SER A 20 -32.12 -3.72 -2.48
C SER A 20 -30.78 -3.99 -1.82
N LEU A 21 -29.76 -4.32 -2.61
CA LEU A 21 -28.41 -4.62 -2.17
C LEU A 21 -27.41 -3.80 -3.00
N GLY A 22 -26.58 -2.98 -2.39
CA GLY A 22 -25.70 -2.13 -3.18
C GLY A 22 -25.00 -1.00 -2.47
N ASN A 23 -24.41 -0.09 -3.25
CA ASN A 23 -23.59 1.00 -2.73
C ASN A 23 -22.43 0.44 -1.87
N ILE A 24 -21.63 -0.43 -2.48
CA ILE A 24 -20.50 -1.14 -1.85
C ILE A 24 -19.20 -0.68 -2.50
N HIS A 25 -18.26 -0.15 -1.71
CA HIS A 25 -16.99 0.39 -2.19
C HIS A 25 -15.82 -0.39 -1.58
N HIS A 26 -15.02 -1.03 -2.40
CA HIS A 26 -13.83 -1.76 -2.00
C HIS A 26 -12.61 -1.11 -2.66
N LYS A 27 -11.80 -0.38 -1.89
CA LYS A 27 -10.76 0.53 -2.42
C LYS A 27 -9.44 0.36 -1.65
N PRO A 28 -8.74 -0.78 -1.78
CA PRO A 28 -7.52 -1.07 -1.03
C PRO A 28 -6.27 -0.35 -1.55
N GLY A 29 -5.50 0.24 -0.64
CA GLY A 29 -4.29 1.02 -0.89
C GLY A 29 -3.00 0.24 -1.09
N GLY A 30 -3.01 -0.79 -1.93
CA GLY A 30 -1.81 -1.51 -2.34
C GLY A 30 -1.20 -2.36 -1.24
N GLY A 31 0.12 -2.33 -1.10
CA GLY A 31 0.85 -3.13 -0.12
C GLY A 31 2.01 -3.92 -0.72
N GLN A 32 2.77 -4.62 0.12
CA GLN A 32 3.98 -5.31 -0.30
C GLN A 32 4.17 -6.68 0.38
N VAL A 33 4.49 -7.71 -0.38
CA VAL A 33 4.64 -9.09 0.11
C VAL A 33 5.94 -9.69 -0.38
N GLU A 34 6.71 -10.31 0.51
CA GLU A 34 7.88 -11.11 0.16
C GLU A 34 7.84 -12.46 0.85
N VAL A 35 8.08 -13.55 0.11
CA VAL A 35 8.24 -14.88 0.69
C VAL A 35 9.51 -15.54 0.18
N LYS A 36 10.31 -16.10 1.06
CA LYS A 36 11.45 -16.96 0.72
C LYS A 36 11.23 -18.37 1.27
N SER A 37 11.46 -19.36 0.42
CA SER A 37 11.49 -20.80 0.72
C SER A 37 12.69 -21.43 0.00
N GLU A 38 13.02 -22.67 0.32
CA GLU A 38 13.89 -23.48 -0.54
C GLU A 38 13.13 -24.64 -1.16
N LYS A 39 12.46 -25.48 -0.36
CA LYS A 39 11.82 -26.71 -0.85
C LYS A 39 10.36 -26.78 -0.43
N LEU A 40 9.47 -27.06 -1.37
CA LEU A 40 8.05 -27.34 -1.13
C LEU A 40 7.74 -28.77 -1.57
N ASP A 41 7.27 -29.62 -0.67
CA ASP A 41 6.72 -30.94 -0.97
C ASP A 41 5.26 -31.00 -0.54
N PHE A 42 4.32 -31.03 -1.49
CA PHE A 42 2.88 -31.12 -1.22
C PHE A 42 2.34 -32.44 -1.74
N LYS A 43 1.70 -33.25 -0.87
CA LYS A 43 1.11 -34.56 -1.20
C LYS A 43 -0.42 -34.50 -1.15
N ASP A 44 -1.13 -35.57 -0.80
CA ASP A 44 -2.55 -35.67 -1.12
C ASP A 44 -3.44 -34.60 -0.46
N ARG A 45 -4.35 -34.01 -1.23
CA ARG A 45 -5.39 -33.09 -0.73
C ARG A 45 -4.80 -31.89 0.01
N VAL A 46 -3.92 -31.14 -0.66
CA VAL A 46 -3.35 -29.89 -0.16
C VAL A 46 -3.98 -28.72 -0.91
N GLN A 47 -4.52 -27.74 -0.18
CA GLN A 47 -4.92 -26.44 -0.71
C GLN A 47 -4.01 -25.37 -0.12
N SER A 48 -3.26 -24.68 -0.96
CA SER A 48 -2.15 -23.82 -0.55
C SER A 48 -2.15 -22.50 -1.29
N LYS A 49 -1.88 -21.40 -0.58
CA LYS A 49 -1.57 -20.11 -1.18
C LYS A 49 -0.30 -19.54 -0.54
N ILE A 50 0.65 -19.11 -1.35
CA ILE A 50 1.93 -18.55 -0.89
C ILE A 50 2.22 -17.24 -1.59
N GLY A 51 2.51 -16.16 -0.87
CA GLY A 51 2.87 -14.89 -1.48
C GLY A 51 1.73 -14.31 -2.30
N SER A 52 0.74 -13.73 -1.63
CA SER A 52 -0.47 -13.23 -2.28
C SER A 52 -0.87 -11.86 -1.79
N LEU A 53 -1.35 -11.03 -2.71
CA LEU A 53 -1.92 -9.72 -2.45
C LEU A 53 -3.25 -9.66 -3.20
N ASP A 54 -4.25 -10.39 -2.70
CA ASP A 54 -5.52 -10.61 -3.39
C ASP A 54 -6.65 -9.75 -2.85
N ASN A 55 -7.41 -9.14 -3.75
CA ASN A 55 -8.60 -8.34 -3.44
C ASN A 55 -9.84 -9.03 -3.97
N ILE A 56 -10.83 -9.30 -3.14
CA ILE A 56 -12.06 -9.98 -3.53
C ILE A 56 -13.27 -9.17 -3.08
N THR A 57 -14.17 -8.85 -4.00
CA THR A 57 -15.50 -8.33 -3.68
C THR A 57 -16.52 -9.35 -4.10
N HIS A 58 -17.17 -10.00 -3.14
CA HIS A 58 -18.14 -11.04 -3.37
C HIS A 58 -19.51 -10.61 -2.85
N VAL A 59 -20.46 -10.33 -3.74
CA VAL A 59 -21.77 -9.76 -3.40
C VAL A 59 -22.87 -10.60 -4.05
N PRO A 60 -23.14 -11.82 -3.58
CA PRO A 60 -24.24 -12.62 -4.14
C PRO A 60 -25.59 -12.08 -3.68
N GLY A 61 -26.58 -12.02 -4.56
CA GLY A 61 -27.94 -11.60 -4.20
C GLY A 61 -28.63 -12.52 -3.19
N GLY A 62 -28.28 -13.81 -3.19
CA GLY A 62 -28.65 -14.80 -2.19
C GLY A 62 -27.45 -15.27 -1.39
N GLY A 63 -26.63 -16.12 -1.99
CA GLY A 63 -25.45 -16.68 -1.32
C GLY A 63 -25.79 -17.68 -0.21
N ASN A 64 -26.98 -18.27 -0.26
CA ASN A 64 -27.43 -19.29 0.68
C ASN A 64 -26.83 -20.66 0.33
N LYS A 65 -26.52 -21.49 1.33
CA LYS A 65 -25.87 -22.79 1.17
C LYS A 65 -26.59 -23.88 1.92
N LYS A 66 -26.82 -25.03 1.29
CA LYS A 66 -27.19 -26.27 1.98
C LYS A 66 -26.17 -27.37 1.66
N ILE A 67 -25.57 -27.97 2.68
CA ILE A 67 -24.62 -29.08 2.53
C ILE A 67 -25.19 -30.30 3.24
N GLU A 68 -25.33 -31.42 2.54
CA GLU A 68 -26.10 -32.56 3.03
C GLU A 68 -25.40 -33.89 2.69
N THR A 69 -24.82 -34.56 3.67
CA THR A 69 -24.08 -35.81 3.49
C THR A 69 -24.87 -36.98 4.06
N HIS A 70 -25.09 -38.02 3.26
CA HIS A 70 -25.65 -39.30 3.68
C HIS A 70 -24.63 -40.42 3.48
N LYS A 71 -24.23 -41.10 4.55
CA LYS A 71 -23.29 -42.23 4.51
C LYS A 71 -23.89 -43.44 5.21
N LEU A 72 -24.07 -44.54 4.49
CA LEU A 72 -24.45 -45.84 5.05
C LEU A 72 -23.33 -46.85 4.78
N THR A 73 -22.76 -47.43 5.83
CA THR A 73 -21.68 -48.42 5.73
C THR A 73 -22.09 -49.73 6.38
N PHE A 74 -22.06 -50.83 5.62
CA PHE A 74 -22.29 -52.18 6.11
C PHE A 74 -21.00 -53.00 5.95
N ARG A 75 -20.41 -53.48 7.05
CA ARG A 75 -19.22 -54.35 7.01
C ARG A 75 -19.61 -55.82 7.20
N SER B 1 -31.97 -61.73 15.11
CA SER B 1 -32.50 -60.86 14.05
C SER B 1 -32.20 -59.40 14.34
N VAL B 2 -31.78 -58.62 13.32
CA VAL B 2 -31.56 -57.17 13.43
C VAL B 2 -32.52 -56.42 12.52
N GLN B 3 -33.29 -55.49 13.07
CA GLN B 3 -34.02 -54.46 12.32
C GLN B 3 -33.54 -53.08 12.75
N ILE B 4 -32.99 -52.30 11.82
CA ILE B 4 -32.57 -50.91 12.03
C ILE B 4 -33.41 -50.02 11.13
N VAL B 5 -34.18 -49.11 11.71
CA VAL B 5 -35.02 -48.16 10.97
C VAL B 5 -34.55 -46.74 11.25
N TYR B 6 -34.08 -46.06 10.21
CA TYR B 6 -33.49 -44.73 10.25
C TYR B 6 -34.37 -43.79 9.43
N LYS B 7 -35.33 -43.14 10.09
CA LYS B 7 -36.29 -42.21 9.48
C LYS B 7 -36.27 -40.80 10.10
N PRO B 8 -35.15 -40.06 10.08
CA PRO B 8 -35.16 -38.64 10.43
C PRO B 8 -36.16 -37.86 9.58
N VAL B 9 -36.93 -36.97 10.19
CA VAL B 9 -37.85 -36.07 9.48
C VAL B 9 -37.43 -34.63 9.77
N ASP B 10 -37.15 -33.85 8.73
CA ASP B 10 -36.66 -32.48 8.86
C ASP B 10 -37.55 -31.48 8.12
N LEU B 11 -38.19 -30.57 8.87
CA LEU B 11 -39.08 -29.50 8.39
C LEU B 11 -38.44 -28.11 8.58
N SER B 12 -37.12 -28.02 8.76
CA SER B 12 -36.44 -26.79 9.19
C SER B 12 -36.54 -25.63 8.20
N LYS B 13 -36.68 -24.40 8.71
CA LYS B 13 -36.45 -23.16 7.97
C LYS B 13 -35.20 -22.47 8.49
N VAL B 14 -34.29 -22.09 7.60
CA VAL B 14 -33.26 -21.08 7.87
C VAL B 14 -33.53 -19.91 6.93
N THR B 15 -33.79 -18.73 7.46
CA THR B 15 -34.42 -17.64 6.70
C THR B 15 -33.94 -16.28 7.17
N SER B 16 -33.92 -15.31 6.26
CA SER B 16 -33.67 -13.91 6.61
C SER B 16 -34.44 -12.97 5.69
N LYS B 17 -34.75 -11.79 6.21
CA LYS B 17 -35.28 -10.66 5.45
C LYS B 17 -34.49 -9.41 5.80
N CYS B 18 -34.14 -8.63 4.80
CA CYS B 18 -33.49 -7.33 4.98
C CYS B 18 -34.20 -6.29 4.11
N GLY B 19 -34.55 -5.14 4.68
CA GLY B 19 -35.27 -4.09 3.94
C GLY B 19 -34.42 -3.50 2.82
N SER B 20 -33.20 -3.08 3.16
CA SER B 20 -32.12 -2.84 2.21
C SER B 20 -30.77 -3.04 2.88
N LEU B 21 -29.75 -3.41 2.11
CA LEU B 21 -28.41 -3.69 2.58
C LEU B 21 -27.40 -2.91 1.73
N GLY B 22 -26.54 -2.11 2.34
CA GLY B 22 -25.67 -1.24 1.56
C GLY B 22 -25.02 -0.10 2.31
N ASN B 23 -24.40 0.79 1.54
CA ASN B 23 -23.52 1.86 2.02
C ASN B 23 -22.34 1.29 2.83
N ILE B 24 -21.63 0.33 2.24
CA ILE B 24 -20.52 -0.41 2.85
C ILE B 24 -19.21 0.05 2.21
N HIS B 25 -18.25 0.51 3.01
CA HIS B 25 -16.96 1.02 2.54
C HIS B 25 -15.82 0.24 3.17
N HIS B 26 -14.96 -0.34 2.36
CA HIS B 26 -13.80 -1.13 2.76
C HIS B 26 -12.55 -0.52 2.10
N LYS B 27 -11.76 0.22 2.87
CA LYS B 27 -10.71 1.13 2.36
C LYS B 27 -9.38 0.93 3.10
N PRO B 28 -8.73 -0.24 3.01
CA PRO B 28 -7.54 -0.56 3.81
C PRO B 28 -6.25 0.09 3.32
N GLY B 29 -5.42 0.60 4.23
CA GLY B 29 -4.23 1.40 3.96
C GLY B 29 -2.94 0.64 3.64
N GLY B 30 -2.99 -0.39 2.80
CA GLY B 30 -1.81 -1.14 2.38
C GLY B 30 -1.19 -1.96 3.50
N GLY B 31 0.13 -2.03 3.57
CA GLY B 31 0.86 -2.81 4.55
C GLY B 31 2.04 -3.58 3.99
N GLN B 32 2.76 -4.30 4.84
CA GLN B 32 3.97 -5.00 4.46
C GLN B 32 4.11 -6.35 5.16
N VAL B 33 4.38 -7.41 4.40
CA VAL B 33 4.47 -8.79 4.88
C VAL B 33 5.75 -9.43 4.36
N GLU B 34 6.51 -10.06 5.24
CA GLU B 34 7.68 -10.87 4.87
C GLU B 34 7.66 -12.21 5.60
N VAL B 35 7.90 -13.30 4.89
CA VAL B 35 8.04 -14.64 5.47
C VAL B 35 9.31 -15.30 4.95
N LYS B 36 10.12 -15.87 5.84
CA LYS B 36 11.23 -16.75 5.51
C LYS B 36 11.00 -18.15 6.05
N SER B 37 11.15 -19.13 5.20
CA SER B 37 11.11 -20.57 5.47
C SER B 37 12.27 -21.25 4.74
N GLU B 38 12.53 -22.52 5.05
CA GLU B 38 13.45 -23.34 4.26
C GLU B 38 12.72 -24.52 3.61
N LYS B 39 12.07 -25.37 4.42
CA LYS B 39 11.39 -26.58 3.95
C LYS B 39 9.93 -26.59 4.37
N LEU B 40 9.03 -26.81 3.41
CA LEU B 40 7.60 -27.05 3.63
C LEU B 40 7.27 -28.48 3.19
N ASP B 41 6.71 -29.30 4.08
CA ASP B 41 6.23 -30.65 3.78
C ASP B 41 4.77 -30.78 4.20
N PHE B 42 3.83 -30.71 3.26
CA PHE B 42 2.39 -30.77 3.52
C PHE B 42 1.82 -32.08 2.99
N LYS B 43 1.08 -32.82 3.82
CA LYS B 43 0.54 -34.17 3.52
C LYS B 43 -0.99 -34.17 3.59
N ASP B 44 -1.65 -35.22 4.06
CA ASP B 44 -3.08 -35.41 3.83
C ASP B 44 -3.96 -34.27 4.38
N ARG B 45 -4.85 -33.72 3.56
CA ARG B 45 -5.93 -32.81 3.96
C ARG B 45 -5.41 -31.54 4.68
N VAL B 46 -4.55 -30.78 4.02
CA VAL B 46 -3.97 -29.52 4.51
C VAL B 46 -4.62 -28.33 3.82
N GLN B 47 -5.07 -27.34 4.59
CA GLN B 47 -5.43 -26.02 4.09
C GLN B 47 -4.47 -25.00 4.69
N SER B 48 -3.73 -24.28 3.84
CA SER B 48 -2.64 -23.41 4.27
C SER B 48 -2.57 -22.11 3.48
N LYS B 49 -2.23 -21.02 4.16
CA LYS B 49 -1.88 -19.73 3.56
C LYS B 49 -0.61 -19.20 4.23
N ILE B 50 0.35 -18.74 3.44
CA ILE B 50 1.63 -18.19 3.92
C ILE B 50 1.94 -16.90 3.19
N GLY B 51 2.24 -15.82 3.90
CA GLY B 51 2.61 -14.54 3.32
C GLY B 51 1.48 -13.95 2.47
N SER B 52 0.43 -13.47 3.12
CA SER B 52 -0.71 -12.86 2.42
C SER B 52 -1.03 -11.46 2.92
N LEU B 53 -1.46 -10.61 2.00
CA LEU B 53 -1.97 -9.27 2.24
C LEU B 53 -3.31 -9.17 1.48
N ASP B 54 -4.31 -9.89 1.98
CA ASP B 54 -5.59 -10.09 1.30
C ASP B 54 -6.70 -9.19 1.86
N ASN B 55 -7.51 -8.63 0.97
CA ASN B 55 -8.68 -7.83 1.31
C ASN B 55 -9.94 -8.50 0.76
N ILE B 56 -10.91 -8.78 1.62
CA ILE B 56 -12.18 -9.40 1.21
C ILE B 56 -13.34 -8.53 1.67
N THR B 57 -14.26 -8.23 0.76
CA THR B 57 -15.58 -7.69 1.09
C THR B 57 -16.59 -8.74 0.68
N HIS B 58 -17.28 -9.33 1.64
CA HIS B 58 -18.28 -10.35 1.39
C HIS B 58 -19.64 -9.87 1.90
N VAL B 59 -20.58 -9.57 1.01
CA VAL B 59 -21.88 -8.98 1.34
C VAL B 59 -23.00 -9.80 0.68
N PRO B 60 -23.28 -11.04 1.15
CA PRO B 60 -24.40 -11.81 0.64
C PRO B 60 -25.74 -11.17 1.06
N GLY B 61 -26.70 -11.10 0.15
CA GLY B 61 -28.06 -10.65 0.47
C GLY B 61 -28.79 -11.60 1.42
N GLY B 62 -28.46 -12.89 1.40
CA GLY B 62 -28.95 -13.92 2.30
C GLY B 62 -27.87 -14.46 3.23
N GLY B 63 -26.91 -15.20 2.67
CA GLY B 63 -25.76 -15.70 3.41
C GLY B 63 -26.08 -16.76 4.46
N ASN B 64 -27.27 -17.37 4.40
CA ASN B 64 -27.73 -18.39 5.33
C ASN B 64 -27.13 -19.77 4.99
N LYS B 65 -26.79 -20.56 6.01
CA LYS B 65 -26.16 -21.88 5.85
C LYS B 65 -26.94 -22.94 6.62
N LYS B 66 -27.15 -24.11 6.01
CA LYS B 66 -27.58 -25.33 6.70
C LYS B 66 -26.61 -26.46 6.38
N ILE B 67 -26.03 -27.10 7.39
CA ILE B 67 -25.08 -28.21 7.23
C ILE B 67 -25.63 -29.42 7.97
N GLU B 68 -25.68 -30.57 7.30
CA GLU B 68 -26.44 -31.72 7.78
C GLU B 68 -25.79 -33.05 7.40
N THR B 69 -25.23 -33.75 8.38
CA THR B 69 -24.57 -35.05 8.20
C THR B 69 -25.44 -36.16 8.78
N HIS B 70 -25.73 -37.18 7.98
CA HIS B 70 -26.31 -38.46 8.39
C HIS B 70 -25.28 -39.56 8.18
N LYS B 71 -24.94 -40.28 9.25
CA LYS B 71 -24.00 -41.40 9.21
C LYS B 71 -24.62 -42.60 9.93
N LEU B 72 -24.75 -43.72 9.24
CA LEU B 72 -25.17 -45.00 9.80
C LEU B 72 -24.10 -46.06 9.52
N THR B 73 -23.55 -46.65 10.57
CA THR B 73 -22.49 -47.67 10.47
C THR B 73 -22.97 -48.98 11.08
N PHE B 74 -22.83 -50.08 10.36
CA PHE B 74 -23.17 -51.43 10.82
C PHE B 74 -21.98 -52.39 10.60
N ARG B 75 -21.74 -53.29 11.55
CA ARG B 75 -20.57 -54.19 11.58
C ARG B 75 -20.94 -55.58 12.07
N SER C 1 30.50 63.61 1.78
CA SER C 1 31.32 62.60 1.08
C SER C 1 31.18 61.22 1.73
N VAL C 2 30.98 60.17 0.93
CA VAL C 2 30.92 58.77 1.42
C VAL C 2 31.80 57.84 0.57
N GLN C 3 32.59 56.99 1.20
CA GLN C 3 33.26 55.84 0.59
C GLN C 3 32.77 54.54 1.22
N ILE C 4 32.22 53.62 0.44
CA ILE C 4 31.96 52.25 0.87
C ILE C 4 32.87 51.33 0.07
N VAL C 5 33.71 50.58 0.76
CA VAL C 5 34.56 49.55 0.17
C VAL C 5 34.07 48.19 0.65
N TYR C 6 33.69 47.31 -0.26
CA TYR C 6 33.11 46.01 0.05
C TYR C 6 33.90 44.94 -0.67
N LYS C 7 34.85 44.32 0.03
CA LYS C 7 35.73 43.27 -0.50
C LYS C 7 35.81 42.03 0.40
N PRO C 8 34.72 41.29 0.61
CA PRO C 8 34.80 39.97 1.22
C PRO C 8 35.74 39.05 0.44
N VAL C 9 36.57 38.28 1.13
CA VAL C 9 37.47 37.27 0.55
C VAL C 9 37.04 35.89 1.03
N ASP C 10 36.72 35.00 0.10
CA ASP C 10 36.22 33.66 0.42
C ASP C 10 37.10 32.57 -0.22
N LEU C 11 37.78 31.79 0.62
CA LEU C 11 38.61 30.64 0.28
C LEU C 11 37.96 29.33 0.79
N SER C 12 36.67 29.32 1.09
CA SER C 12 36.00 28.18 1.74
C SER C 12 36.09 26.87 0.97
N LYS C 13 36.29 25.76 1.67
CA LYS C 13 36.07 24.41 1.11
C LYS C 13 34.85 23.76 1.76
N VAL C 14 33.90 23.31 0.95
CA VAL C 14 32.88 22.34 1.39
C VAL C 14 33.15 21.05 0.64
N THR C 15 33.41 19.95 1.33
CA THR C 15 34.06 18.77 0.72
C THR C 15 33.61 17.47 1.35
N SER C 16 33.62 16.36 0.62
CA SER C 16 33.44 15.03 1.20
C SER C 16 34.20 13.94 0.44
N LYS C 17 34.55 12.88 1.15
CA LYS C 17 35.07 11.63 0.59
C LYS C 17 34.26 10.46 1.11
N CYS C 18 33.82 9.56 0.25
CA CYS C 18 33.22 8.28 0.63
C CYS C 18 33.90 7.14 -0.13
N GLY C 19 34.38 6.10 0.55
CA GLY C 19 35.07 4.99 -0.12
C GLY C 19 34.14 4.14 -0.98
N SER C 20 32.95 3.79 -0.49
CA SER C 20 31.85 3.28 -1.31
C SER C 20 30.51 3.65 -0.69
N LEU C 21 29.49 3.84 -1.52
CA LEU C 21 28.14 4.21 -1.13
C LEU C 21 27.13 3.28 -1.77
N GLY C 22 26.34 2.53 -1.00
CA GLY C 22 25.44 1.56 -1.61
C GLY C 22 24.79 0.54 -0.69
N ASN C 23 24.15 -0.47 -1.29
CA ASN C 23 23.25 -1.41 -0.60
C ASN C 23 22.14 -0.63 0.13
N ILE C 24 21.39 0.17 -0.60
CA ILE C 24 20.30 1.00 -0.09
C ILE C 24 18.98 0.45 -0.63
N HIS C 25 18.07 0.06 0.24
CA HIS C 25 16.78 -0.53 -0.11
C HIS C 25 15.65 0.34 0.40
N HIS C 26 14.82 0.88 -0.49
CA HIS C 26 13.66 1.69 -0.18
C HIS C 26 12.41 0.97 -0.70
N LYS C 27 11.56 0.48 0.19
CA LYS C 27 10.62 -0.60 -0.11
C LYS C 27 9.26 -0.40 0.58
N PRO C 28 8.53 0.67 0.28
CA PRO C 28 7.32 1.08 1.01
C PRO C 28 6.03 0.33 0.66
N GLY C 29 5.26 -0.08 1.66
CA GLY C 29 4.03 -0.86 1.55
C GLY C 29 2.75 -0.09 1.24
N GLY C 30 2.78 0.79 0.25
CA GLY C 30 1.57 1.47 -0.25
C GLY C 30 0.98 2.48 0.74
N GLY C 31 -0.33 2.50 0.89
CA GLY C 31 -1.04 3.42 1.76
C GLY C 31 -2.23 4.12 1.08
N GLN C 32 -2.97 4.92 1.84
CA GLN C 32 -4.19 5.56 1.36
C GLN C 32 -4.32 7.00 1.82
N VAL C 33 -4.64 7.91 0.91
CA VAL C 33 -4.73 9.35 1.16
C VAL C 33 -6.03 9.90 0.60
N GLU C 34 -6.76 10.67 1.39
CA GLU C 34 -7.96 11.37 0.96
C GLU C 34 -7.94 12.82 1.44
N VAL C 35 -8.17 13.78 0.54
CA VAL C 35 -8.29 15.20 0.91
C VAL C 35 -9.56 15.79 0.33
N LYS C 36 -10.35 16.48 1.15
CA LYS C 36 -11.48 17.29 0.69
C LYS C 36 -11.25 18.76 1.01
N SER C 37 -11.49 19.62 0.02
CA SER C 37 -11.49 21.08 0.09
C SER C 37 -12.68 21.62 -0.72
N GLU C 38 -12.99 22.91 -0.59
CA GLU C 38 -13.90 23.57 -1.54
C GLU C 38 -13.17 24.64 -2.35
N LYS C 39 -12.51 25.60 -1.70
CA LYS C 39 -11.84 26.72 -2.36
C LYS C 39 -10.37 26.82 -1.98
N LEU C 40 -9.50 26.91 -2.98
CA LEU C 40 -8.08 27.19 -2.84
C LEU C 40 -7.76 28.53 -3.51
N ASP C 41 -7.20 29.49 -2.77
CA ASP C 41 -6.72 30.76 -3.28
C ASP C 41 -5.25 30.96 -2.90
N PHE C 42 -4.33 30.80 -3.85
CA PHE C 42 -2.89 30.92 -3.63
C PHE C 42 -2.34 32.15 -4.37
N LYS C 43 -1.69 33.08 -3.67
CA LYS C 43 -1.13 34.32 -4.22
C LYS C 43 0.40 34.26 -4.20
N ASP C 44 1.12 35.37 -4.06
CA ASP C 44 2.55 35.40 -4.41
C ASP C 44 3.42 34.44 -3.60
N ARG C 45 4.34 33.75 -4.28
CA ARG C 45 5.39 32.92 -3.66
C ARG C 45 4.82 31.84 -2.72
N VAL C 46 3.93 31.01 -3.24
CA VAL C 46 3.38 29.83 -2.53
C VAL C 46 4.00 28.56 -3.10
N GLN C 47 4.54 27.70 -2.25
CA GLN C 47 4.92 26.33 -2.57
C GLN C 47 4.02 25.36 -1.81
N SER C 48 3.26 24.54 -2.51
CA SER C 48 2.16 23.77 -1.94
C SER C 48 2.12 22.33 -2.46
N LYS C 49 1.84 21.38 -1.59
CA LYS C 49 1.49 20.01 -1.96
C LYS C 49 0.23 19.55 -1.23
N ILE C 50 -0.75 19.01 -1.94
CA ILE C 50 -2.02 18.56 -1.37
C ILE C 50 -2.34 17.16 -1.85
N GLY C 51 -2.60 16.20 -0.96
CA GLY C 51 -3.01 14.85 -1.36
C GLY C 51 -1.89 14.13 -2.10
N SER C 52 -0.88 13.66 -1.38
CA SER C 52 0.31 13.06 -1.96
C SER C 52 0.71 11.76 -1.27
N LEU C 53 1.21 10.82 -2.06
CA LEU C 53 1.74 9.54 -1.60
C LEU C 53 3.08 9.34 -2.33
N ASP C 54 4.09 10.13 -1.97
CA ASP C 54 5.34 10.23 -2.73
C ASP C 54 6.49 9.47 -2.09
N ASN C 55 7.22 8.71 -2.90
CA ASN C 55 8.39 7.94 -2.49
C ASN C 55 9.63 8.51 -3.16
N ILE C 56 10.63 8.93 -2.39
CA ILE C 56 11.86 9.52 -2.90
C ILE C 56 13.06 8.75 -2.36
N THR C 57 13.95 8.31 -3.25
CA THR C 57 15.27 7.83 -2.88
C THR C 57 16.27 8.79 -3.48
N HIS C 58 16.98 9.53 -2.63
CA HIS C 58 17.97 10.51 -3.06
C HIS C 58 19.36 10.14 -2.51
N VAL C 59 20.28 9.74 -3.37
CA VAL C 59 21.60 9.22 -2.98
C VAL C 59 22.70 9.92 -3.78
N PRO C 60 22.98 11.21 -3.54
CA PRO C 60 24.07 11.89 -4.21
C PRO C 60 25.43 11.40 -3.70
N GLY C 61 26.40 11.19 -4.58
CA GLY C 61 27.77 10.84 -4.17
C GLY C 61 28.47 11.93 -3.34
N GLY C 62 28.09 13.19 -3.54
CA GLY C 62 28.49 14.33 -2.71
C GLY C 62 27.30 14.91 -1.96
N GLY C 63 26.49 15.70 -2.64
CA GLY C 63 25.33 16.37 -2.03
C GLY C 63 25.71 17.50 -1.09
N ASN C 64 26.91 18.06 -1.25
CA ASN C 64 27.39 19.21 -0.49
C ASN C 64 26.80 20.52 -1.05
N LYS C 65 26.49 21.48 -0.19
CA LYS C 65 25.86 22.76 -0.56
C LYS C 65 26.63 23.94 0.01
N LYS C 66 26.88 24.97 -0.79
CA LYS C 66 27.27 26.32 -0.32
C LYS C 66 26.25 27.33 -0.80
N ILE C 67 25.62 28.06 0.11
CA ILE C 67 24.61 29.06 -0.17
C ILE C 67 25.10 30.39 0.36
N GLU C 68 25.05 31.43 -0.45
CA GLU C 68 25.86 32.61 -0.24
C GLU C 68 25.18 33.88 -0.77
N THR C 69 25.02 34.90 0.07
CA THR C 69 24.34 36.15 -0.26
C THR C 69 25.23 37.35 0.06
N HIS C 70 25.30 38.32 -0.85
CA HIS C 70 26.09 39.54 -0.73
C HIS C 70 25.24 40.75 -1.07
N LYS C 71 24.55 41.33 -0.08
CA LYS C 71 23.62 42.46 -0.25
C LYS C 71 24.23 43.76 0.24
N LEU C 72 24.29 44.78 -0.62
CA LEU C 72 24.65 46.16 -0.27
C LEU C 72 23.54 47.13 -0.68
N THR C 73 22.97 47.84 0.29
CA THR C 73 21.89 48.81 0.07
C THR C 73 22.32 50.22 0.49
N PHE C 74 22.26 51.18 -0.43
CA PHE C 74 22.54 52.58 -0.18
C PHE C 74 21.30 53.44 -0.46
N ARG C 75 20.80 54.16 0.54
CA ARG C 75 19.65 55.08 0.41
C ARG C 75 20.09 56.54 0.38
N SER D 1 32.67 63.25 6.95
CA SER D 1 33.12 62.23 5.97
C SER D 1 32.89 60.82 6.50
N VAL D 2 32.29 59.93 5.69
CA VAL D 2 32.08 58.51 6.05
C VAL D 2 32.99 57.61 5.22
N GLN D 3 33.80 56.78 5.89
CA GLN D 3 34.46 55.62 5.28
C GLN D 3 33.95 54.33 5.95
N ILE D 4 33.36 53.43 5.17
CA ILE D 4 32.96 52.09 5.62
C ILE D 4 33.79 51.08 4.84
N VAL D 5 34.60 50.29 5.53
CA VAL D 5 35.42 49.24 4.93
C VAL D 5 34.94 47.89 5.43
N TYR D 6 34.50 47.04 4.51
CA TYR D 6 33.92 45.74 4.78
C TYR D 6 34.78 44.67 4.10
N LYS D 7 35.72 44.11 4.86
CA LYS D 7 36.67 43.07 4.40
C LYS D 7 36.62 41.79 5.24
N PRO D 8 35.49 41.08 5.33
CA PRO D 8 35.47 39.73 5.87
C PRO D 8 36.46 38.82 5.14
N VAL D 9 37.18 37.99 5.87
CA VAL D 9 38.07 36.97 5.29
C VAL D 9 37.65 35.60 5.82
N ASP D 10 37.40 34.64 4.92
CA ASP D 10 36.95 33.30 5.26
C ASP D 10 37.85 32.22 4.64
N LEU D 11 38.58 31.49 5.50
CA LEU D 11 39.45 30.36 5.16
C LEU D 11 38.86 29.00 5.61
N SER D 12 37.59 28.96 6.02
CA SER D 12 37.01 27.81 6.72
C SER D 12 36.81 26.56 5.85
N LYS D 13 36.83 25.39 6.50
CA LYS D 13 36.55 24.08 5.89
C LYS D 13 35.30 23.47 6.54
N VAL D 14 34.35 23.00 5.75
CA VAL D 14 33.31 22.05 6.18
C VAL D 14 33.58 20.75 5.45
N THR D 15 33.83 19.66 6.16
CA THR D 15 34.43 18.46 5.55
C THR D 15 33.98 17.19 6.24
N SER D 16 33.93 16.08 5.50
CA SER D 16 33.72 14.75 6.05
C SER D 16 34.48 13.68 5.26
N LYS D 17 34.83 12.58 5.94
CA LYS D 17 35.36 11.37 5.33
C LYS D 17 34.59 10.18 5.88
N CYS D 18 34.18 9.27 5.01
CA CYS D 18 33.50 8.04 5.39
C CYS D 18 34.17 6.86 4.68
N GLY D 19 34.50 5.80 5.41
CA GLY D 19 35.20 4.64 4.84
C GLY D 19 34.31 3.86 3.89
N SER D 20 33.12 3.50 4.32
CA SER D 20 32.02 3.07 3.46
C SER D 20 30.68 3.40 4.12
N LEU D 21 29.65 3.61 3.33
CA LEU D 21 28.31 3.99 3.76
C LEU D 21 27.28 3.10 3.06
N GLY D 22 26.46 2.37 3.81
CA GLY D 22 25.56 1.42 3.19
C GLY D 22 24.87 0.43 4.11
N ASN D 23 24.21 -0.55 3.50
CA ASN D 23 23.31 -1.50 4.16
C ASN D 23 22.19 -0.76 4.91
N ILE D 24 21.49 0.11 4.18
CA ILE D 24 20.40 0.93 4.70
C ILE D 24 19.08 0.39 4.15
N HIS D 25 18.16 0.04 5.03
CA HIS D 25 16.84 -0.49 4.67
C HIS D 25 15.75 0.43 5.21
N HIS D 26 14.92 0.98 4.33
CA HIS D 26 13.75 1.79 4.65
C HIS D 26 12.50 1.12 4.10
N LYS D 27 11.59 0.69 4.99
CA LYS D 27 10.61 -0.37 4.70
C LYS D 27 9.25 -0.13 5.38
N PRO D 28 8.59 1.00 5.12
CA PRO D 28 7.41 1.45 5.88
C PRO D 28 6.11 0.72 5.52
N GLY D 29 5.32 0.35 6.53
CA GLY D 29 4.12 -0.48 6.40
C GLY D 29 2.83 0.26 6.02
N GLY D 30 2.87 1.14 5.03
CA GLY D 30 1.68 1.84 4.54
C GLY D 30 1.08 2.82 5.54
N GLY D 31 -0.25 2.88 5.61
CA GLY D 31 -0.98 3.77 6.49
C GLY D 31 -2.10 4.51 5.80
N GLN D 32 -2.78 5.38 6.54
CA GLN D 32 -4.01 6.04 6.08
C GLN D 32 -4.13 7.48 6.56
N VAL D 33 -4.44 8.39 5.66
CA VAL D 33 -4.52 9.84 5.92
C VAL D 33 -5.81 10.40 5.34
N GLU D 34 -6.57 11.13 6.13
CA GLU D 34 -7.74 11.88 5.69
C GLU D 34 -7.65 13.32 6.20
N VAL D 35 -7.86 14.28 5.31
CA VAL D 35 -7.97 15.70 5.67
C VAL D 35 -9.25 16.30 5.07
N LYS D 36 -10.01 17.03 5.86
CA LYS D 36 -11.16 17.82 5.43
C LYS D 36 -10.94 19.30 5.75
N SER D 37 -11.12 20.14 4.74
CA SER D 37 -11.04 21.59 4.78
C SER D 37 -12.21 22.19 3.98
N GLU D 38 -12.44 23.50 4.10
CA GLU D 38 -13.35 24.22 3.19
C GLU D 38 -12.60 25.28 2.39
N LYS D 39 -11.92 26.22 3.05
CA LYS D 39 -11.23 27.34 2.39
C LYS D 39 -9.76 27.37 2.75
N LEU D 40 -8.89 27.46 1.75
CA LEU D 40 -7.45 27.70 1.90
C LEU D 40 -7.12 29.04 1.24
N ASP D 41 -6.58 30.01 1.98
CA ASP D 41 -6.03 31.26 1.43
C ASP D 41 -4.56 31.38 1.81
N PHE D 42 -3.66 31.27 0.85
CA PHE D 42 -2.21 31.36 1.06
C PHE D 42 -1.62 32.57 0.33
N LYS D 43 -0.86 33.42 1.03
CA LYS D 43 -0.27 34.68 0.51
C LYS D 43 1.26 34.64 0.58
N ASP D 44 1.95 35.77 0.75
CA ASP D 44 3.39 35.85 0.49
C ASP D 44 4.22 34.83 1.25
N ARG D 45 5.06 34.09 0.53
CA ARG D 45 6.12 33.21 1.07
C ARG D 45 5.58 32.13 2.00
N VAL D 46 4.67 31.30 1.50
CA VAL D 46 4.08 30.15 2.21
C VAL D 46 4.64 28.84 1.67
N GLN D 47 5.15 27.97 2.53
CA GLN D 47 5.50 26.59 2.20
C GLN D 47 4.56 25.65 2.96
N SER D 48 3.77 24.86 2.25
CA SER D 48 2.67 24.09 2.82
C SER D 48 2.58 22.68 2.26
N LYS D 49 2.30 21.70 3.14
CA LYS D 49 1.93 20.34 2.75
C LYS D 49 0.70 19.90 3.53
N ILE D 50 -0.32 19.39 2.84
CA ILE D 50 -1.59 18.96 3.43
C ILE D 50 -1.94 17.57 2.92
N GLY D 51 -2.22 16.63 3.81
CA GLY D 51 -2.63 15.27 3.43
C GLY D 51 -1.55 14.54 2.66
N SER D 52 -0.48 14.13 3.33
CA SER D 52 0.64 13.41 2.71
C SER D 52 0.97 12.09 3.40
N LEU D 53 1.41 11.12 2.62
CA LEU D 53 1.92 9.83 3.07
C LEU D 53 3.24 9.58 2.33
N ASP D 54 4.25 10.36 2.70
CA ASP D 54 5.52 10.45 1.98
C ASP D 54 6.64 9.64 2.63
N ASN D 55 7.44 8.97 1.82
CA ASN D 55 8.60 8.19 2.26
C ASN D 55 9.86 8.72 1.60
N ILE D 56 10.85 9.16 2.38
CA ILE D 56 12.11 9.69 1.84
C ILE D 56 13.29 8.91 2.42
N THR D 57 14.14 8.37 1.55
CA THR D 57 15.48 7.89 1.93
C THR D 57 16.48 8.84 1.34
N HIS D 58 17.20 9.57 2.18
CA HIS D 58 18.18 10.55 1.77
C HIS D 58 19.56 10.17 2.31
N VAL D 59 20.47 9.73 1.44
CA VAL D 59 21.78 9.19 1.82
C VAL D 59 22.88 9.88 1.00
N PRO D 60 23.20 11.16 1.28
CA PRO D 60 24.32 11.83 0.65
C PRO D 60 25.65 11.26 1.13
N GLY D 61 26.60 11.04 0.22
CA GLY D 61 27.96 10.63 0.59
C GLY D 61 28.71 11.71 1.38
N GLY D 62 28.39 12.98 1.16
CA GLY D 62 28.83 14.11 1.95
C GLY D 62 27.71 14.71 2.78
N GLY D 63 26.83 15.49 2.13
CA GLY D 63 25.70 16.15 2.78
C GLY D 63 26.10 17.34 3.65
N ASN D 64 27.29 17.89 3.46
CA ASN D 64 27.80 19.04 4.19
C ASN D 64 27.21 20.35 3.68
N LYS D 65 26.90 21.30 4.56
CA LYS D 65 26.27 22.58 4.21
C LYS D 65 27.04 23.76 4.80
N LYS D 66 27.26 24.80 4.00
CA LYS D 66 27.73 26.12 4.45
C LYS D 66 26.74 27.18 3.99
N ILE D 67 26.17 27.95 4.91
CA ILE D 67 25.21 29.02 4.60
C ILE D 67 25.81 30.33 5.12
N GLU D 68 25.80 31.36 4.28
CA GLU D 68 26.68 32.51 4.45
C GLU D 68 26.04 33.80 3.93
N THR D 69 25.56 34.66 4.83
CA THR D 69 24.91 35.93 4.49
C THR D 69 25.80 37.10 4.87
N HIS D 70 26.12 37.94 3.89
CA HIS D 70 26.79 39.23 4.06
C HIS D 70 25.80 40.34 3.70
N LYS D 71 25.50 41.24 4.64
CA LYS D 71 24.54 42.33 4.45
C LYS D 71 25.10 43.63 4.98
N LEU D 72 25.03 44.68 4.18
CA LEU D 72 25.45 46.04 4.57
C LEU D 72 24.38 47.04 4.12
N THR D 73 23.90 47.88 5.04
CA THR D 73 22.87 48.89 4.77
C THR D 73 23.37 50.26 5.19
N PHE D 74 23.20 51.26 4.32
CA PHE D 74 23.62 52.64 4.56
C PHE D 74 22.53 53.63 4.18
N ARG D 75 22.39 54.71 4.95
CA ARG D 75 21.30 55.70 4.81
C ARG D 75 21.83 57.13 5.00
N SER E 1 29.55 63.85 -3.43
CA SER E 1 30.37 62.75 -3.98
C SER E 1 30.16 61.45 -3.19
N VAL E 2 29.89 60.35 -3.89
CA VAL E 2 29.79 58.99 -3.31
C VAL E 2 30.62 58.02 -4.13
N GLN E 3 31.40 57.16 -3.47
CA GLN E 3 32.13 56.04 -4.09
C GLN E 3 31.69 54.71 -3.47
N ILE E 4 31.28 53.76 -4.30
CA ILE E 4 31.03 52.38 -3.88
C ILE E 4 31.96 51.46 -4.66
N VAL E 5 32.81 50.71 -3.96
CA VAL E 5 33.77 49.76 -4.54
C VAL E 5 33.40 48.35 -4.12
N TYR E 6 32.48 47.73 -4.84
CA TYR E 6 32.01 46.37 -4.62
C TYR E 6 32.91 45.39 -5.38
N LYS E 7 33.90 44.80 -4.71
CA LYS E 7 34.81 43.78 -5.30
C LYS E 7 34.96 42.53 -4.42
N PRO E 8 33.90 41.73 -4.21
CA PRO E 8 34.03 40.42 -3.57
C PRO E 8 35.00 39.50 -4.33
N VAL E 9 35.71 38.65 -3.60
CA VAL E 9 36.65 37.66 -4.15
C VAL E 9 36.25 36.28 -3.64
N ASP E 10 36.28 35.29 -4.52
CA ASP E 10 35.76 33.96 -4.23
C ASP E 10 36.57 32.89 -4.96
N LEU E 11 37.33 32.11 -4.20
CA LEU E 11 38.09 30.94 -4.62
C LEU E 11 37.54 29.68 -3.92
N SER E 12 36.24 29.62 -3.65
CA SER E 12 35.58 28.46 -3.03
C SER E 12 35.75 27.17 -3.81
N LYS E 13 35.73 26.04 -3.12
CA LYS E 13 35.54 24.71 -3.72
C LYS E 13 34.34 24.02 -3.06
N VAL E 14 33.36 23.58 -3.85
CA VAL E 14 32.37 22.58 -3.44
C VAL E 14 32.70 21.31 -4.21
N THR E 15 32.94 20.19 -3.53
CA THR E 15 33.63 19.04 -4.13
C THR E 15 33.20 17.74 -3.47
N SER E 16 33.25 16.62 -4.19
CA SER E 16 33.09 15.29 -3.62
C SER E 16 33.89 14.25 -4.37
N LYS E 17 34.27 13.19 -3.65
CA LYS E 17 34.83 11.96 -4.23
C LYS E 17 34.04 10.77 -3.69
N CYS E 18 33.65 9.86 -4.57
CA CYS E 18 33.05 8.59 -4.20
C CYS E 18 33.73 7.45 -4.95
N GLY E 19 34.15 6.39 -4.27
CA GLY E 19 34.86 5.29 -4.93
C GLY E 19 33.94 4.42 -5.78
N SER E 20 32.78 4.02 -5.27
CA SER E 20 31.69 3.46 -6.07
C SER E 20 30.33 3.78 -5.44
N LEU E 21 29.32 3.98 -6.28
CA LEU E 21 27.96 4.35 -5.88
C LEU E 21 26.96 3.38 -6.53
N GLY E 22 26.19 2.62 -5.76
CA GLY E 22 25.30 1.64 -6.37
C GLY E 22 24.67 0.61 -5.45
N ASN E 23 24.06 -0.41 -6.04
CA ASN E 23 23.17 -1.36 -5.36
C ASN E 23 22.05 -0.62 -4.62
N ILE E 24 21.28 0.18 -5.36
CA ILE E 24 20.17 0.99 -4.84
C ILE E 24 18.87 0.42 -5.38
N HIS E 25 17.96 0.01 -4.51
CA HIS E 25 16.68 -0.60 -4.86
C HIS E 25 15.55 0.26 -4.35
N HIS E 26 14.71 0.77 -5.23
CA HIS E 26 13.53 1.56 -4.92
C HIS E 26 12.30 0.82 -5.45
N LYS E 27 11.45 0.33 -4.56
CA LYS E 27 10.53 -0.78 -4.85
C LYS E 27 9.16 -0.61 -4.16
N PRO E 28 8.41 0.47 -4.47
CA PRO E 28 7.20 0.84 -3.73
C PRO E 28 5.93 0.07 -4.09
N GLY E 29 5.16 -0.35 -3.08
CA GLY E 29 3.95 -1.16 -3.19
C GLY E 29 2.65 -0.40 -3.50
N GLY E 30 2.66 0.48 -4.49
CA GLY E 30 1.45 1.13 -4.98
C GLY E 30 0.84 2.13 -3.99
N GLY E 31 -0.48 2.13 -3.85
CA GLY E 31 -1.20 3.05 -2.98
C GLY E 31 -2.40 3.71 -3.65
N GLN E 32 -3.15 4.50 -2.89
CA GLN E 32 -4.38 5.12 -3.36
C GLN E 32 -4.54 6.57 -2.91
N VAL E 33 -4.88 7.47 -3.82
CA VAL E 33 -5.00 8.90 -3.56
C VAL E 33 -6.30 9.43 -4.13
N GLU E 34 -7.05 10.18 -3.34
CA GLU E 34 -8.27 10.87 -3.77
C GLU E 34 -8.27 12.32 -3.29
N VAL E 35 -8.50 13.28 -4.19
CA VAL E 35 -8.63 14.69 -3.83
C VAL E 35 -9.90 15.27 -4.44
N LYS E 36 -10.71 15.95 -3.62
CA LYS E 36 -11.86 16.74 -4.06
C LYS E 36 -11.66 18.21 -3.75
N SER E 37 -11.93 19.06 -4.74
CA SER E 37 -11.95 20.52 -4.66
C SER E 37 -13.10 21.05 -5.52
N GLU E 38 -13.53 22.30 -5.32
CA GLU E 38 -14.48 22.96 -6.23
C GLU E 38 -13.81 24.07 -7.04
N LYS E 39 -13.01 24.93 -6.42
CA LYS E 39 -12.36 26.09 -7.07
C LYS E 39 -10.88 26.20 -6.71
N LEU E 40 -10.05 26.41 -7.72
CA LEU E 40 -8.62 26.73 -7.60
C LEU E 40 -8.37 28.11 -8.23
N ASP E 41 -7.82 29.04 -7.49
CA ASP E 41 -7.36 30.36 -7.96
C ASP E 41 -5.89 30.55 -7.57
N PHE E 42 -4.98 30.31 -8.49
CA PHE E 42 -3.54 30.47 -8.29
C PHE E 42 -3.04 31.69 -9.08
N LYS E 43 -2.33 32.62 -8.41
CA LYS E 43 -1.74 33.81 -9.04
C LYS E 43 -0.21 33.70 -9.15
N ASP E 44 0.54 34.79 -9.08
CA ASP E 44 1.95 34.80 -9.46
C ASP E 44 2.84 33.96 -8.56
N ARG E 45 3.87 33.31 -9.12
CA ARG E 45 4.88 32.55 -8.37
C ARG E 45 4.27 31.49 -7.44
N VAL E 46 3.36 30.69 -7.96
CA VAL E 46 2.79 29.52 -7.28
C VAL E 46 3.39 28.24 -7.85
N GLN E 47 3.94 27.38 -7.00
CA GLN E 47 4.31 26.00 -7.33
C GLN E 47 3.40 25.07 -6.55
N SER E 48 2.62 24.25 -7.25
CA SER E 48 1.55 23.45 -6.66
C SER E 48 1.55 22.04 -7.23
N LYS E 49 1.39 21.04 -6.36
CA LYS E 49 1.08 19.66 -6.75
C LYS E 49 -0.13 19.17 -5.99
N ILE E 50 -1.13 18.66 -6.70
CA ILE E 50 -2.40 18.19 -6.12
C ILE E 50 -2.71 16.79 -6.63
N GLY E 51 -2.96 15.83 -5.74
CA GLY E 51 -3.32 14.46 -6.11
C GLY E 51 -2.18 13.75 -6.84
N SER E 52 -1.17 13.31 -6.10
CA SER E 52 0.06 12.74 -6.66
C SER E 52 0.46 11.43 -5.99
N LEU E 53 0.91 10.47 -6.79
CA LEU E 53 1.47 9.21 -6.35
C LEU E 53 2.81 9.03 -7.07
N ASP E 54 3.81 9.84 -6.70
CA ASP E 54 5.06 9.96 -7.46
C ASP E 54 6.23 9.21 -6.82
N ASN E 55 6.96 8.46 -7.64
CA ASN E 55 8.14 7.72 -7.24
C ASN E 55 9.38 8.31 -7.90
N ILE E 56 10.36 8.76 -7.15
CA ILE E 56 11.59 9.37 -7.67
C ILE E 56 12.80 8.63 -7.11
N THR E 57 13.69 8.19 -7.99
CA THR E 57 15.03 7.74 -7.63
C THR E 57 16.01 8.70 -8.23
N HIS E 58 16.72 9.44 -7.39
CA HIS E 58 17.69 10.44 -7.82
C HIS E 58 19.07 10.12 -7.26
N VAL E 59 20.01 9.73 -8.12
CA VAL E 59 21.34 9.23 -7.72
C VAL E 59 22.42 9.95 -8.54
N PRO E 60 22.69 11.24 -8.32
CA PRO E 60 23.77 11.92 -9.05
C PRO E 60 25.13 11.50 -8.52
N GLY E 61 26.13 11.35 -9.40
CA GLY E 61 27.49 11.01 -9.01
C GLY E 61 28.17 12.07 -8.13
N GLY E 62 27.80 13.34 -8.32
CA GLY E 62 28.20 14.47 -7.49
C GLY E 62 27.04 15.06 -6.73
N GLY E 63 26.17 15.81 -7.42
CA GLY E 63 24.98 16.43 -6.81
C GLY E 63 25.29 17.61 -5.89
N ASN E 64 26.48 18.20 -6.02
CA ASN E 64 26.90 19.37 -5.25
C ASN E 64 26.29 20.67 -5.83
N LYS E 65 26.03 21.65 -4.97
CA LYS E 65 25.41 22.93 -5.35
C LYS E 65 26.18 24.12 -4.78
N LYS E 66 26.44 25.14 -5.59
CA LYS E 66 26.80 26.49 -5.13
C LYS E 66 25.74 27.47 -5.59
N ILE E 67 25.11 28.18 -4.67
CA ILE E 67 24.09 29.21 -4.93
C ILE E 67 24.66 30.53 -4.40
N GLU E 68 24.70 31.56 -5.23
CA GLU E 68 25.47 32.76 -4.94
C GLU E 68 24.78 34.01 -5.50
N THR E 69 24.22 34.83 -4.63
CA THR E 69 23.48 36.05 -4.99
C THR E 69 24.28 37.30 -4.64
N HIS E 70 24.52 38.16 -5.63
CA HIS E 70 25.11 39.49 -5.46
C HIS E 70 24.06 40.54 -5.78
N LYS E 71 23.87 41.52 -4.89
CA LYS E 71 22.84 42.55 -5.04
C LYS E 71 23.32 43.89 -4.51
N LEU E 72 23.53 44.85 -5.41
CA LEU E 72 23.84 46.24 -5.08
C LEU E 72 22.66 47.12 -5.47
N THR E 73 22.05 47.78 -4.49
CA THR E 73 20.91 48.71 -4.67
C THR E 73 21.32 50.11 -4.27
N PHE E 74 21.12 51.08 -5.16
CA PHE E 74 21.42 52.49 -4.91
C PHE E 74 20.19 53.36 -5.16
N ARG E 75 19.87 54.27 -4.24
CA ARG E 75 18.71 55.17 -4.31
C ARG E 75 19.10 56.60 -3.91
N SER F 1 -29.14 -63.72 5.29
CA SER F 1 -29.94 -62.79 4.45
C SER F 1 -29.75 -61.35 4.89
N VAL F 2 -29.48 -60.45 3.93
CA VAL F 2 -29.43 -58.99 4.16
C VAL F 2 -30.37 -58.26 3.21
N GLN F 3 -31.24 -57.39 3.74
CA GLN F 3 -31.96 -56.38 2.99
C GLN F 3 -31.52 -54.98 3.42
N ILE F 4 -31.03 -54.17 2.49
CA ILE F 4 -30.73 -52.76 2.70
C ILE F 4 -31.60 -51.94 1.77
N VAL F 5 -32.44 -51.08 2.34
CA VAL F 5 -33.32 -50.19 1.59
C VAL F 5 -32.89 -48.75 1.86
N TYR F 6 -32.49 -48.03 0.81
CA TYR F 6 -31.96 -46.68 0.88
C TYR F 6 -32.84 -45.77 0.04
N LYS F 7 -33.78 -45.06 0.68
CA LYS F 7 -34.71 -44.15 0.00
C LYS F 7 -34.81 -42.78 0.68
N PRO F 8 -33.74 -41.98 0.74
CA PRO F 8 -33.84 -40.58 1.15
C PRO F 8 -34.81 -39.82 0.26
N VAL F 9 -35.68 -39.00 0.84
CA VAL F 9 -36.62 -38.13 0.15
C VAL F 9 -36.22 -36.68 0.42
N ASP F 10 -36.05 -35.90 -0.63
CA ASP F 10 -35.54 -34.54 -0.53
C ASP F 10 -36.40 -33.54 -1.32
N LEU F 11 -37.10 -32.68 -0.60
CA LEU F 11 -37.95 -31.58 -1.09
C LEU F 11 -37.30 -30.22 -0.79
N SER F 12 -35.97 -30.16 -0.64
CA SER F 12 -35.26 -28.92 -0.24
C SER F 12 -35.52 -27.74 -1.19
N LYS F 13 -35.69 -26.54 -0.64
CA LYS F 13 -35.57 -25.29 -1.40
C LYS F 13 -34.35 -24.50 -0.91
N VAL F 14 -33.46 -24.11 -1.81
CA VAL F 14 -32.47 -23.06 -1.56
C VAL F 14 -32.79 -21.91 -2.50
N THR F 15 -33.12 -20.74 -1.97
CA THR F 15 -33.79 -19.69 -2.77
C THR F 15 -33.37 -18.30 -2.32
N SER F 16 -33.46 -17.31 -3.19
CA SER F 16 -33.28 -15.91 -2.81
C SER F 16 -34.07 -14.95 -3.69
N LYS F 17 -34.43 -13.80 -3.13
CA LYS F 17 -35.01 -12.67 -3.88
C LYS F 17 -34.24 -11.40 -3.56
N CYS F 18 -33.88 -10.64 -4.59
CA CYS F 18 -33.28 -9.32 -4.45
C CYS F 18 -34.01 -8.32 -5.36
N GLY F 19 -34.47 -7.19 -4.84
CA GLY F 19 -35.22 -6.22 -5.65
C GLY F 19 -34.34 -5.50 -6.68
N SER F 20 -33.16 -5.05 -6.27
CA SER F 20 -32.08 -4.67 -7.18
C SER F 20 -30.72 -4.91 -6.51
N LEU F 21 -29.70 -5.22 -7.31
CA LEU F 21 -28.35 -5.49 -6.87
C LEU F 21 -27.37 -4.66 -7.70
N GLY F 22 -26.55 -3.82 -7.09
CA GLY F 22 -25.68 -2.97 -7.89
C GLY F 22 -25.00 -1.82 -7.18
N ASN F 23 -24.43 -0.90 -7.95
CA ASN F 23 -23.63 0.20 -7.43
C ASN F 23 -22.45 -0.32 -6.58
N ILE F 24 -21.64 -1.19 -7.18
CA ILE F 24 -20.50 -1.87 -6.56
C ILE F 24 -19.21 -1.38 -7.21
N HIS F 25 -18.28 -0.85 -6.42
CA HIS F 25 -17.01 -0.28 -6.90
C HIS F 25 -15.84 -1.03 -6.30
N HIS F 26 -15.02 -1.67 -7.12
CA HIS F 26 -13.81 -2.38 -6.72
C HIS F 26 -12.61 -1.71 -7.37
N LYS F 27 -11.82 -0.95 -6.62
CA LYS F 27 -10.80 -0.03 -7.14
C LYS F 27 -9.47 -0.17 -6.38
N PRO F 28 -8.75 -1.30 -6.51
CA PRO F 28 -7.52 -1.57 -5.76
C PRO F 28 -6.29 -0.82 -6.28
N GLY F 29 -5.52 -0.22 -5.37
CA GLY F 29 -4.33 0.60 -5.62
C GLY F 29 -3.02 -0.18 -5.83
N GLY F 30 -3.02 -1.21 -6.67
CA GLY F 30 -1.80 -1.90 -7.09
C GLY F 30 -1.17 -2.74 -5.98
N GLY F 31 0.14 -2.70 -5.83
CA GLY F 31 0.89 -3.48 -4.86
C GLY F 31 2.06 -4.25 -5.46
N GLN F 32 2.84 -4.93 -4.62
CA GLN F 32 4.05 -5.61 -5.04
C GLN F 32 4.27 -6.96 -4.36
N VAL F 33 4.61 -7.99 -5.13
CA VAL F 33 4.77 -9.37 -4.64
C VAL F 33 6.09 -9.95 -5.13
N GLU F 34 6.87 -10.55 -4.24
CA GLU F 34 8.06 -11.33 -4.60
C GLU F 34 8.04 -12.69 -3.90
N VAL F 35 8.30 -13.76 -4.64
CA VAL F 35 8.49 -15.09 -4.06
C VAL F 35 9.77 -15.72 -4.58
N LYS F 36 10.59 -16.27 -3.69
CA LYS F 36 11.74 -17.12 -4.04
C LYS F 36 11.54 -18.52 -3.48
N SER F 37 11.80 -19.51 -4.33
CA SER F 37 11.85 -20.94 -4.03
C SER F 37 13.05 -21.56 -4.76
N GLU F 38 13.41 -22.80 -4.44
CA GLU F 38 14.29 -23.60 -5.30
C GLU F 38 13.55 -24.77 -5.91
N LYS F 39 12.90 -25.61 -5.12
CA LYS F 39 12.27 -26.86 -5.60
C LYS F 39 10.82 -26.95 -5.17
N LEU F 40 9.93 -27.26 -6.12
CA LEU F 40 8.53 -27.55 -5.88
C LEU F 40 8.23 -28.98 -6.32
N ASP F 41 7.79 -29.85 -5.41
CA ASP F 41 7.25 -31.17 -5.71
C ASP F 41 5.79 -31.26 -5.29
N PHE F 42 4.86 -31.32 -6.24
CA PHE F 42 3.42 -31.42 -5.96
C PHE F 42 2.90 -32.76 -6.47
N LYS F 43 2.28 -33.57 -5.61
CA LYS F 43 1.72 -34.90 -5.94
C LYS F 43 0.18 -34.87 -5.90
N ASP F 44 -0.50 -35.95 -5.53
CA ASP F 44 -1.94 -36.08 -5.86
C ASP F 44 -2.83 -35.03 -5.20
N ARG F 45 -3.76 -34.45 -5.97
CA ARG F 45 -4.81 -33.55 -5.46
C ARG F 45 -4.25 -32.33 -4.72
N VAL F 46 -3.37 -31.58 -5.38
CA VAL F 46 -2.83 -30.31 -4.90
C VAL F 46 -3.48 -29.15 -5.64
N GLN F 47 -4.04 -28.18 -4.92
CA GLN F 47 -4.46 -26.88 -5.44
C GLN F 47 -3.57 -25.81 -4.85
N SER F 48 -2.83 -25.11 -5.70
CA SER F 48 -1.74 -24.22 -5.29
C SER F 48 -1.76 -22.90 -6.02
N LYS F 49 -1.51 -21.80 -5.32
CA LYS F 49 -1.22 -20.50 -5.91
C LYS F 49 0.03 -19.91 -5.27
N ILE F 50 0.98 -19.45 -6.09
CA ILE F 50 2.25 -18.87 -5.63
C ILE F 50 2.51 -17.56 -6.34
N GLY F 51 2.78 -16.48 -5.61
CA GLY F 51 3.12 -15.20 -6.22
C GLY F 51 1.96 -14.64 -7.04
N SER F 52 0.97 -14.08 -6.37
CA SER F 52 -0.25 -13.61 -7.02
C SER F 52 -0.67 -12.22 -6.53
N LEU F 53 -1.17 -11.42 -7.45
CA LEU F 53 -1.77 -10.11 -7.20
C LEU F 53 -3.10 -10.07 -7.94
N ASP F 54 -4.09 -10.82 -7.43
CA ASP F 54 -5.35 -11.06 -8.13
C ASP F 54 -6.50 -10.23 -7.58
N ASN F 55 -7.28 -9.63 -8.48
CA ASN F 55 -8.47 -8.85 -8.16
C ASN F 55 -9.70 -9.57 -8.69
N ILE F 56 -10.68 -9.86 -7.86
CA ILE F 56 -11.91 -10.57 -8.25
C ILE F 56 -13.12 -9.78 -7.80
N THR F 57 -14.03 -9.47 -8.71
CA THR F 57 -15.36 -8.96 -8.40
C THR F 57 -16.37 -10.02 -8.82
N HIS F 58 -17.00 -10.66 -7.86
CA HIS F 58 -17.96 -11.72 -8.08
C HIS F 58 -19.34 -11.32 -7.56
N VAL F 59 -20.29 -11.07 -8.45
CA VAL F 59 -21.62 -10.52 -8.11
C VAL F 59 -22.70 -11.37 -8.76
N PRO F 60 -22.95 -12.60 -8.29
CA PRO F 60 -24.04 -13.42 -8.85
C PRO F 60 -25.39 -12.90 -8.38
N GLY F 61 -26.39 -12.86 -9.26
CA GLY F 61 -27.75 -12.47 -8.90
C GLY F 61 -28.42 -13.40 -7.89
N GLY F 62 -28.04 -14.68 -7.89
CA GLY F 62 -28.41 -15.67 -6.87
C GLY F 62 -27.19 -16.12 -6.09
N GLY F 63 -26.35 -16.96 -6.69
CA GLY F 63 -25.17 -17.50 -6.03
C GLY F 63 -25.49 -18.50 -4.91
N ASN F 64 -26.66 -19.12 -4.96
CA ASN F 64 -27.08 -20.14 -4.02
C ASN F 64 -26.47 -21.51 -4.37
N LYS F 65 -26.14 -22.32 -3.36
CA LYS F 65 -25.46 -23.62 -3.54
C LYS F 65 -26.17 -24.72 -2.77
N LYS F 66 -26.38 -25.88 -3.41
CA LYS F 66 -26.72 -27.13 -2.72
C LYS F 66 -25.69 -28.20 -3.04
N ILE F 67 -25.07 -28.80 -2.03
CA ILE F 67 -24.10 -29.89 -2.17
C ILE F 67 -24.65 -31.11 -1.46
N GLU F 68 -24.78 -32.23 -2.16
CA GLU F 68 -25.52 -33.40 -1.67
C GLU F 68 -24.79 -34.71 -2.02
N THR F 69 -24.20 -35.37 -1.02
CA THR F 69 -23.44 -36.60 -1.22
C THR F 69 -24.20 -37.78 -0.65
N HIS F 70 -24.42 -38.83 -1.44
CA HIS F 70 -24.95 -40.12 -1.02
C HIS F 70 -23.91 -41.21 -1.22
N LYS F 71 -23.49 -41.89 -0.15
CA LYS F 71 -22.53 -43.00 -0.19
C LYS F 71 -23.12 -44.23 0.50
N LEU F 72 -23.28 -45.33 -0.21
CA LEU F 72 -23.64 -46.64 0.35
C LEU F 72 -22.49 -47.63 0.08
N THR F 73 -21.91 -48.19 1.13
CA THR F 73 -20.81 -49.17 1.02
C THR F 73 -21.19 -50.48 1.67
N PHE F 74 -21.15 -51.58 0.92
CA PHE F 74 -21.36 -52.94 1.41
C PHE F 74 -20.05 -53.73 1.24
N ARG F 75 -19.46 -54.20 2.34
CA ARG F 75 -18.25 -55.06 2.30
C ARG F 75 -18.61 -56.53 2.49
N1 X6R G . -9.72 -23.46 -6.83
N3 X6R G . -9.43 -19.44 -3.70
C4 X6R G . -5.66 -22.47 -6.38
C5 X6R G . -6.63 -21.71 -5.71
C6 X6R G . -6.27 -20.63 -4.89
C7 X6R G . -8.50 -20.21 -4.39
C8 X6R G . -10.79 -19.62 -3.73
C10 X6R G . -10.34 -17.85 -2.39
C13 X6R G . -7.94 -17.75 -2.50
C15 X6R G . -8.95 -21.26 -5.17
C1 X6R G . -8.38 -23.12 -6.68
C2 X6R G . -7.39 -23.85 -7.32
F X6R G . -7.74 -24.89 -8.12
C3 X6R G . -6.04 -23.52 -7.17
N2 X6R G . -7.20 -19.94 -4.27
C9 X6R G . -11.39 -18.69 -2.97
C11 X6R G . -10.31 -16.75 -1.52
C12 X6R G . -9.09 -16.21 -1.20
N4 X6R G . -7.97 -16.72 -1.67
C14 X6R G . -9.12 -18.37 -2.88
C16 X6R G . -8.00 -22.04 -5.86
H2 X6R G . -9.97 -24.21 -7.40
H1 X6R G . -10.41 -22.95 -6.37
H4 X6R G . -4.61 -22.23 -6.28
H5 X6R G . -5.23 -20.36 -4.76
H6 X6R G . -11.30 -20.38 -4.29
H10 X6R G . -6.99 -18.12 -2.86
H11 X6R G . -10.01 -21.48 -5.25
H3 X6R G . -5.30 -24.10 -7.69
H7 X6R G . -12.46 -18.58 -2.80
H8 X6R G . -11.22 -16.34 -1.13
H9 X6R G . -9.05 -15.36 -0.53
N1 X6R H . -10.51 -22.30 2.69
N3 X6R H . -10.05 -18.28 5.82
C4 X6R H . -6.40 -21.45 3.09
C5 X6R H . -7.34 -20.65 3.77
C6 X6R H . -6.94 -19.58 4.60
C7 X6R H . -9.15 -19.10 5.12
C8 X6R H . -11.42 -18.42 5.80
C10 X6R H . -10.89 -16.68 7.14
C13 X6R H . -8.49 -16.65 7.00
C15 X6R H . -9.64 -20.13 4.34
C1 X6R H . -9.14 -22.01 2.83
C2 X6R H . -8.19 -22.76 2.17
F X6R H . -8.58 -23.79 1.39
C3 X6R H . -6.83 -22.48 2.31
N2 X6R H . -7.85 -18.86 5.22
C9 X6R H . -11.98 -17.48 6.58
C11 X6R H . -10.81 -15.58 8.00
C12 X6R H . -9.58 -15.08 8.32
N4 X6R H . -8.47 -15.61 7.82
C14 X6R H . -9.70 -17.23 6.63
C16 X6R H . -8.72 -20.94 3.64
H2 X6R H . -10.78 -23.04 2.12
H1 X6R H . -11.16 -21.76 3.15
H4 X6R H . -5.35 -21.24 3.19
H5 X6R H . -5.89 -19.35 4.71
H6 X6R H . -11.95 -19.17 5.24
H10 X6R H . -7.56 -17.06 6.62
H11 X6R H . -10.71 -20.32 4.28
H3 X6R H . -6.10 -23.08 1.78
H7 X6R H . -13.04 -17.34 6.75
H8 X6R H . -11.71 -15.13 8.41
H9 X6R H . -9.50 -14.23 8.98
N1 X6R I . -10.14 -22.90 -2.07
N3 X6R I . -9.74 -18.88 1.07
C4 X6R I . -6.05 -22.00 -1.64
C5 X6R I . -6.99 -21.22 -0.96
C6 X6R I . -6.61 -20.15 -0.14
C7 X6R I . -8.83 -19.67 0.37
C8 X6R I . -11.10 -19.02 1.05
C10 X6R I . -10.59 -17.27 2.39
C13 X6R I . -8.19 -17.23 2.27
C15 X6R I . -9.31 -20.72 -0.40
C1 X6R I . -8.79 -22.59 -1.92
C2 X6R I . -7.82 -23.34 -2.57
F X6R I . -8.20 -24.37 -3.36
C3 X6R I . -6.47 -23.04 -2.43
N2 X6R I . -7.52 -19.43 0.48
C9 X6R I . -11.67 -18.08 1.83
C11 X6R I . -10.53 -16.18 3.26
C12 X6R I . -9.30 -15.67 3.58
N4 X6R I . -8.19 -16.19 3.08
C14 X6R I . -9.39 -17.82 1.89
C16 X6R I . -8.38 -21.51 -1.10
H2 X6R I . -10.41 -23.63 -2.63
H1 X6R I . -10.80 -22.36 -1.60
H4 X6R I . -5.00 -21.79 -1.55
H5 X6R I . -5.56 -19.90 -0.02
H6 X6R I . -11.63 -19.78 0.49
H10 X6R I . -7.26 -17.63 1.89
H11 X6R I . -10.37 -20.91 -0.48
H3 X6R I . -5.74 -23.63 -2.95
H7 X6R I . -12.74 -17.95 1.99
H8 X6R I . -11.43 -15.74 3.67
H9 X6R I . -9.24 -14.81 4.24
N1 X6R J . 9.56 22.35 -8.23
N3 X6R J . 9.28 18.87 -4.49
C4 X6R J . 5.49 21.50 -7.57
C5 X6R J . 6.46 20.84 -6.80
C6 X6R J . 6.11 19.91 -5.81
C7 X6R J . 8.34 19.54 -5.29
C8 X6R J . 10.64 19.02 -4.58
C10 X6R J . 10.19 17.50 -2.96
C13 X6R J . 7.78 17.42 -3.02
C15 X6R J . 8.79 20.45 -6.23
C1 X6R J . 8.21 22.06 -8.00
C2 X6R J . 7.23 22.68 -8.74
F X6R J . 7.57 23.59 -9.69
C3 X6R J . 5.88 22.40 -8.53
N2 X6R J . 7.04 19.31 -5.11
C9 X6R J . 11.24 18.22 -3.68
C11 X6R J . 10.16 16.56 -1.94
C12 X6R J . 8.94 16.10 -1.51
N4 X6R J . 7.81 16.52 -2.05
C14 X6R J . 8.97 17.95 -3.52
C16 X6R J . 7.84 21.13 -7.01
H2 X6R J . 9.80 22.99 -8.92
H1 X6R J . 10.24 21.90 -7.71
H4 X6R J . 4.44 21.30 -7.41
H5 X6R J . 5.07 19.68 -5.63
H6 X6R J . 11.14 19.69 -5.26
H10 X6R J . 6.84 17.75 -3.43
H11 X6R J . 9.84 20.64 -6.37
H3 X6R J . 5.12 22.91 -9.11
H7 X6R J . 12.30 18.13 -3.53
H8 X6R J . 11.07 16.19 -1.50
H9 X6R J . 8.90 15.36 -0.72
N1 X6R K . 10.45 22.69 1.32
N3 X6R K . 10.04 19.20 5.04
C4 X6R K . 6.36 21.94 1.94
C5 X6R K . 7.30 21.26 2.71
C6 X6R K . 6.92 20.33 3.69
C7 X6R K . 9.13 19.91 4.24
C8 X6R K . 11.40 19.32 4.97
C10 X6R K . 10.91 17.81 6.57
C13 X6R K . 8.50 17.78 6.49
C15 X6R K . 9.61 20.81 3.30
C1 X6R K . 9.09 22.43 1.54
C2 X6R K . 8.13 23.09 0.78
F X6R K . 8.51 23.99 -0.15
C3 X6R K . 6.77 22.85 1.00
N2 X6R K . 7.83 19.70 4.40
C9 X6R K . 11.98 18.50 5.87
C11 X6R K . 10.84 16.86 7.59
C12 X6R K . 9.61 16.42 8.00
N4 X6R K . 8.50 16.89 7.46
C14 X6R K . 9.70 18.28 6.01
C16 X6R K . 8.69 21.50 2.52
H2 X6R K . 10.72 23.33 0.65
H1 X6R K . 11.12 22.23 1.84
H4 X6R K . 5.29 21.76 2.08
H5 X6R K . 5.86 20.13 3.87
H6 X6R K . 11.94 19.98 4.30
H10 X6R K . 7.56 18.13 6.07
H11 X6R K . 10.67 20.97 3.19
H3 X6R K . 6.04 23.37 0.40
H7 X6R K . 13.05 18.38 6.03
H8 X6R K . 11.74 16.47 8.04
H9 X6R K . 9.55 15.68 8.79
N1 X6R L . 10.08 22.50 -3.45
N3 X6R L . 9.72 19.02 0.27
C4 X6R L . 6.00 21.72 -2.83
C5 X6R L . 6.95 21.04 -2.05
C6 X6R L . 6.58 20.11 -1.06
C7 X6R L . 8.80 19.71 -0.52
C8 X6R L . 11.09 19.15 0.21
C10 X6R L . 10.60 17.64 1.81
C13 X6R L . 8.20 17.59 1.74
C15 X6R L . 9.27 20.61 -1.46
C1 X6R L . 8.73 22.24 -3.24
C2 X6R L . 7.76 22.88 -3.98
F X6R L . 8.13 23.77 -4.93
C3 X6R L . 6.40 22.62 -3.77
N2 X6R L . 7.50 19.49 -0.35
C9 X6R L . 11.67 18.34 1.10
C11 X6R L . 10.54 16.68 2.84
C12 X6R L . 9.32 16.24 3.24
N4 X6R L . 8.20 16.69 2.70
C14 X6R L . 9.38 18.10 1.24
C16 X6R L . 8.33 21.30 -2.26
H2 X6R L . 10.35 23.14 -4.13
H1 X6R L . 10.75 22.04 -2.92
H4 X6R L . 4.95 21.52 -2.68
H5 X6R L . 5.53 19.89 -0.89
H6 X6R L . 11.61 19.81 -0.47
H10 X6R L . 7.25 17.93 1.32
H11 X6R L . 10.33 20.78 -1.58
H3 X6R L . 5.66 23.13 -4.37
H7 X6R L . 12.73 18.23 1.27
H8 X6R L . 11.45 16.31 3.29
H9 X6R L . 9.27 15.50 4.04
#